data_2L64
#
_entry.id   2L64
#
_entity_poly.entity_id   1
_entity_poly.type   'polypeptide(L)'
_entity_poly.pdbx_seq_one_letter_code
;HADGSFSDEMNTILDNLAARDFINWLIQTKITD
;
_entity_poly.pdbx_strand_id   A
#
# COMPACT_ATOMS: atom_id res chain seq x y z
N HIS A 1 -4.16 4.20 18.68
CA HIS A 1 -5.11 3.42 19.46
C HIS A 1 -6.27 4.28 19.89
N ALA A 2 -7.42 3.67 20.26
CA ALA A 2 -8.56 4.45 20.74
C ALA A 2 -9.63 3.49 21.24
N ASP A 3 -10.19 2.64 20.34
CA ASP A 3 -11.17 1.64 20.74
C ASP A 3 -11.06 0.44 19.82
N GLY A 4 -11.39 0.57 18.51
CA GLY A 4 -11.21 -0.54 17.58
C GLY A 4 -9.78 -0.67 17.11
N SER A 5 -8.94 0.39 17.23
CA SER A 5 -7.56 0.33 16.72
C SER A 5 -7.57 -0.02 15.24
N PHE A 6 -8.55 0.52 14.49
CA PHE A 6 -8.62 0.28 13.05
C PHE A 6 -7.81 1.33 12.31
N SER A 7 -7.75 2.59 12.79
CA SER A 7 -7.01 3.62 12.07
C SER A 7 -5.62 3.13 11.70
N ASP A 8 -4.88 2.53 12.65
CA ASP A 8 -3.51 2.11 12.35
C ASP A 8 -3.46 1.30 11.08
N GLU A 9 -4.20 0.16 11.01
CA GLU A 9 -4.17 -0.64 9.78
C GLU A 9 -4.69 0.18 8.62
N MET A 10 -5.72 1.04 8.84
CA MET A 10 -6.27 1.82 7.73
C MET A 10 -5.21 2.72 7.12
N ASN A 11 -4.22 3.19 7.92
CA ASN A 11 -3.16 4.03 7.37
C ASN A 11 -2.11 3.19 6.68
N THR A 12 -1.69 2.04 7.26
CA THR A 12 -0.64 1.25 6.63
C THR A 12 -1.10 0.77 5.27
N ILE A 13 -2.39 0.36 5.09
CA ILE A 13 -2.80 -0.08 3.76
C ILE A 13 -2.57 1.00 2.74
N LEU A 14 -2.60 2.30 3.10
CA LEU A 14 -2.37 3.35 2.11
C LEU A 14 -0.88 3.51 1.95
N ASP A 15 -0.13 3.77 3.05
CA ASP A 15 1.30 4.02 2.92
C ASP A 15 1.97 2.86 2.22
N ASN A 16 1.72 1.63 2.70
CA ASN A 16 2.42 0.45 2.17
C ASN A 16 1.77 -0.05 0.90
N LEU A 17 0.41 -0.13 0.82
CA LEU A 17 -0.25 -0.76 -0.32
C LEU A 17 -0.80 0.29 -1.26
N ALA A 18 0.03 1.29 -1.65
CA ALA A 18 -0.41 2.28 -2.64
C ALA A 18 0.80 2.95 -3.25
N ALA A 19 1.70 3.56 -2.45
CA ALA A 19 2.92 4.12 -3.02
C ALA A 19 3.61 3.09 -3.87
N ARG A 20 3.74 1.83 -3.39
CA ARG A 20 4.44 0.80 -4.17
C ARG A 20 3.50 -0.05 -5.01
N ASP A 21 2.21 0.32 -5.16
CA ASP A 21 1.29 -0.43 -6.01
C ASP A 21 0.46 0.48 -6.91
N PHE A 22 0.94 1.71 -7.25
CA PHE A 22 0.26 2.58 -8.19
C PHE A 22 1.11 2.76 -9.44
N ILE A 23 2.44 3.02 -9.32
CA ILE A 23 3.31 3.06 -10.49
C ILE A 23 4.54 2.20 -10.30
N ASN A 24 4.49 1.11 -9.49
CA ASN A 24 5.65 0.24 -9.30
C ASN A 24 5.24 -1.22 -9.37
N TRP A 25 4.34 -1.60 -10.30
CA TRP A 25 3.89 -2.99 -10.34
C TRP A 25 3.17 -3.37 -11.63
N LEU A 26 2.29 -2.53 -12.20
CA LEU A 26 1.70 -2.78 -13.51
C LEU A 26 1.89 -1.50 -14.31
N ILE A 27 3.13 -0.98 -14.38
CA ILE A 27 3.40 0.27 -15.11
C ILE A 27 4.89 0.52 -15.19
N GLN A 28 5.69 0.39 -14.09
CA GLN A 28 7.13 0.56 -14.22
C GLN A 28 7.65 -0.30 -15.35
N THR A 29 7.07 -1.50 -15.60
CA THR A 29 7.44 -2.29 -16.76
C THR A 29 7.51 -1.42 -18.00
N LYS A 30 6.52 -0.52 -18.20
CA LYS A 30 6.49 0.37 -19.38
C LYS A 30 7.25 1.65 -19.11
N ILE A 31 8.32 1.64 -18.27
CA ILE A 31 9.10 2.85 -17.98
C ILE A 31 10.57 2.43 -17.86
N THR A 32 10.93 1.55 -16.90
CA THR A 32 12.31 1.08 -16.79
C THR A 32 12.87 0.72 -18.14
N ASP A 33 12.05 0.19 -19.08
CA ASP A 33 12.56 -0.15 -20.41
C ASP A 33 11.51 0.20 -21.44
N HIS A 1 -7.94 3.98 24.56
CA HIS A 1 -8.47 2.62 24.55
C HIS A 1 -8.28 2.00 23.18
N ALA A 2 -8.53 0.68 23.05
CA ALA A 2 -8.31 -0.02 21.79
C ALA A 2 -9.49 -0.91 21.48
N ASP A 3 -10.70 -0.32 21.34
CA ASP A 3 -11.86 -1.13 20.97
C ASP A 3 -11.61 -1.73 19.60
N GLY A 4 -11.42 -0.89 18.56
CA GLY A 4 -11.24 -1.38 17.20
C GLY A 4 -9.80 -1.33 16.74
N SER A 5 -9.10 -0.18 16.91
CA SER A 5 -7.76 -0.02 16.37
C SER A 5 -7.78 -0.20 14.86
N PHE A 6 -8.84 0.30 14.18
CA PHE A 6 -8.87 0.25 12.72
C PHE A 6 -7.88 1.26 12.18
N SER A 7 -7.72 2.44 12.85
CA SER A 7 -6.81 3.46 12.34
C SER A 7 -5.48 2.87 11.95
N ASP A 8 -4.89 1.98 12.79
CA ASP A 8 -3.59 1.41 12.45
C ASP A 8 -3.65 0.72 11.11
N GLU A 9 -4.64 -0.18 10.91
CA GLU A 9 -4.73 -0.89 9.62
C GLU A 9 -5.26 0.01 8.53
N MET A 10 -5.88 1.17 8.83
CA MET A 10 -6.33 2.08 7.77
C MET A 10 -5.20 2.94 7.26
N ASN A 11 -4.18 3.27 8.10
CA ASN A 11 -3.08 4.11 7.66
C ASN A 11 -1.94 3.29 7.07
N THR A 12 -1.65 2.07 7.59
CA THR A 12 -0.56 1.29 6.99
C THR A 12 -0.97 0.88 5.59
N ILE A 13 -2.24 0.51 5.34
CA ILE A 13 -2.62 0.13 3.97
C ILE A 13 -2.36 1.26 2.99
N LEU A 14 -2.64 2.55 3.34
CA LEU A 14 -2.44 3.61 2.34
C LEU A 14 -0.96 3.89 2.22
N ASP A 15 -0.17 3.87 3.31
CA ASP A 15 1.25 4.18 3.19
C ASP A 15 1.97 3.05 2.48
N ASN A 16 1.76 1.81 2.95
CA ASN A 16 2.50 0.66 2.43
C ASN A 16 1.90 0.15 1.14
N LEU A 17 0.56 0.11 1.01
CA LEU A 17 -0.08 -0.54 -0.15
C LEU A 17 -0.66 0.51 -1.08
N ALA A 18 0.18 1.47 -1.54
CA ALA A 18 -0.27 2.48 -2.49
C ALA A 18 0.90 3.21 -3.10
N ALA A 19 1.82 3.76 -2.28
CA ALA A 19 3.02 4.38 -2.83
C ALA A 19 3.69 3.42 -3.78
N ARG A 20 3.85 2.14 -3.39
CA ARG A 20 4.45 1.14 -4.28
C ARG A 20 3.39 0.28 -4.94
N ASP A 21 2.22 0.84 -5.30
CA ASP A 21 1.22 0.05 -6.02
C ASP A 21 0.43 0.88 -7.03
N PHE A 22 1.03 1.94 -7.62
CA PHE A 22 0.37 2.71 -8.68
C PHE A 22 1.00 2.45 -10.05
N ILE A 23 2.27 2.01 -10.13
CA ILE A 23 2.93 1.68 -11.39
C ILE A 23 3.98 0.61 -11.12
N ASN A 24 5.02 0.92 -10.30
CA ASN A 24 6.01 -0.05 -9.84
C ASN A 24 5.58 -1.50 -9.80
N TRP A 25 4.33 -1.83 -9.40
CA TRP A 25 3.87 -3.23 -9.41
C TRP A 25 3.33 -3.62 -10.78
N LEU A 26 2.60 -2.70 -11.45
CA LEU A 26 2.01 -2.97 -12.77
C LEU A 26 3.08 -3.11 -13.84
N ILE A 27 4.21 -2.39 -13.73
CA ILE A 27 5.25 -2.38 -14.76
C ILE A 27 5.50 -3.70 -15.46
N GLN A 28 5.46 -4.88 -14.80
CA GLN A 28 5.66 -6.16 -15.50
C GLN A 28 4.54 -7.08 -15.09
N THR A 29 3.29 -6.66 -15.39
CA THR A 29 2.12 -7.49 -15.11
C THR A 29 1.20 -7.49 -16.32
N LYS A 30 0.68 -6.31 -16.75
CA LYS A 30 -0.17 -6.23 -17.93
C LYS A 30 0.68 -5.98 -19.17
N ILE A 31 2.01 -5.75 -19.07
CA ILE A 31 2.81 -5.42 -20.26
C ILE A 31 3.45 -6.71 -20.72
N THR A 32 4.25 -7.38 -19.87
CA THR A 32 4.90 -8.63 -20.28
C THR A 32 3.87 -9.68 -20.67
N ASP A 33 2.61 -9.60 -20.19
CA ASP A 33 1.59 -10.59 -20.57
C ASP A 33 1.95 -11.96 -20.06
N HIS A 1 -14.78 2.91 21.19
CA HIS A 1 -14.51 1.49 20.98
C HIS A 1 -13.18 1.36 20.27
N ALA A 2 -12.48 0.20 20.43
CA ALA A 2 -11.16 0.05 19.82
C ALA A 2 -10.83 -1.43 19.69
N ASP A 3 -11.57 -2.15 18.81
CA ASP A 3 -11.30 -3.58 18.66
C ASP A 3 -9.84 -3.79 18.31
N GLY A 4 -9.29 -3.02 17.34
CA GLY A 4 -7.88 -3.17 16.99
C GLY A 4 -7.34 -1.98 16.26
N SER A 5 -7.58 -0.75 16.79
CA SER A 5 -7.03 0.45 16.16
C SER A 5 -7.29 0.43 14.66
N PHE A 6 -8.57 0.60 14.25
CA PHE A 6 -8.89 0.59 12.82
C PHE A 6 -7.94 1.54 12.11
N SER A 7 -7.78 2.77 12.67
CA SER A 7 -6.87 3.75 12.07
C SER A 7 -5.53 3.16 11.72
N ASP A 8 -4.90 2.38 12.63
CA ASP A 8 -3.57 1.86 12.34
C ASP A 8 -3.59 1.08 11.04
N GLU A 9 -4.54 0.13 10.88
CA GLU A 9 -4.64 -0.60 9.62
C GLU A 9 -5.08 0.32 8.48
N MET A 10 -5.88 1.38 8.75
CA MET A 10 -6.35 2.24 7.66
C MET A 10 -5.20 3.03 7.05
N ASN A 11 -4.16 3.36 7.84
CA ASN A 11 -3.04 4.14 7.29
C ASN A 11 -1.97 3.24 6.70
N THR A 12 -1.63 2.11 7.35
CA THR A 12 -0.58 1.25 6.79
C THR A 12 -0.99 0.74 5.42
N ILE A 13 -2.29 0.43 5.18
CA ILE A 13 -2.67 -0.03 3.84
C ILE A 13 -2.37 1.05 2.82
N LEU A 14 -2.53 2.35 3.14
CA LEU A 14 -2.25 3.38 2.15
C LEU A 14 -0.74 3.51 2.01
N ASP A 15 -0.01 3.72 3.13
CA ASP A 15 1.42 3.96 3.03
C ASP A 15 2.12 2.78 2.38
N ASN A 16 1.82 1.55 2.86
CA ASN A 16 2.54 0.36 2.39
C ASN A 16 1.94 -0.20 1.13
N LEU A 17 0.58 -0.21 0.98
CA LEU A 17 -0.07 -0.91 -0.13
C LEU A 17 -0.60 0.10 -1.14
N ALA A 18 0.27 1.04 -1.59
CA ALA A 18 -0.13 2.00 -2.62
C ALA A 18 1.10 2.66 -3.23
N ALA A 19 1.99 3.25 -2.40
CA ALA A 19 3.25 3.79 -2.93
C ALA A 19 3.94 2.73 -3.76
N ARG A 20 3.93 1.44 -3.32
CA ARG A 20 4.40 0.36 -4.18
C ARG A 20 3.26 -0.58 -4.51
N ASP A 21 2.17 -0.03 -5.11
CA ASP A 21 1.16 -0.90 -5.71
C ASP A 21 0.34 -0.21 -6.78
N PHE A 22 0.93 0.73 -7.56
CA PHE A 22 0.19 1.44 -8.60
C PHE A 22 1.10 2.50 -9.18
N ILE A 23 1.54 2.38 -10.46
CA ILE A 23 2.46 3.38 -11.03
C ILE A 23 3.76 3.38 -10.26
N ASN A 24 4.24 2.21 -9.75
CA ASN A 24 5.56 2.13 -9.14
C ASN A 24 6.06 0.69 -9.13
N TRP A 25 5.33 -0.23 -8.45
CA TRP A 25 5.78 -1.62 -8.39
C TRP A 25 5.81 -2.29 -9.75
N LEU A 26 5.02 -1.81 -10.74
CA LEU A 26 5.04 -2.36 -12.10
C LEU A 26 5.64 -1.36 -13.10
N ILE A 27 6.04 -0.13 -12.67
CA ILE A 27 6.47 0.92 -13.59
C ILE A 27 7.90 1.32 -13.27
N GLN A 28 8.22 1.71 -12.02
CA GLN A 28 9.57 2.16 -11.68
C GLN A 28 10.52 0.98 -11.72
N THR A 29 10.01 -0.27 -11.51
CA THR A 29 10.88 -1.45 -11.43
C THR A 29 11.18 -2.05 -12.79
N LYS A 30 10.51 -1.66 -13.90
CA LYS A 30 10.80 -2.27 -15.20
C LYS A 30 10.84 -1.24 -16.32
N ILE A 31 11.29 0.01 -16.03
CA ILE A 31 11.31 1.07 -17.05
C ILE A 31 12.47 2.00 -16.78
N THR A 32 12.53 2.65 -15.59
CA THR A 32 13.62 3.57 -15.29
C THR A 32 14.96 2.87 -15.37
N ASP A 33 15.03 1.53 -15.14
CA ASP A 33 16.32 0.83 -15.23
C ASP A 33 17.22 1.36 -14.14
N HIS A 1 -17.19 -3.47 20.74
CA HIS A 1 -16.54 -2.37 20.04
C HIS A 1 -16.31 -2.72 18.59
N ALA A 2 -15.96 -1.74 17.75
CA ALA A 2 -15.73 -2.03 16.33
C ALA A 2 -14.48 -2.88 16.18
N ASP A 3 -13.34 -2.46 16.77
CA ASP A 3 -12.09 -3.20 16.57
C ASP A 3 -11.07 -2.85 17.63
N GLY A 4 -10.58 -1.59 17.69
CA GLY A 4 -9.58 -1.22 18.68
C GLY A 4 -8.64 -0.18 18.10
N SER A 5 -8.00 -0.52 16.95
CA SER A 5 -7.08 0.41 16.31
C SER A 5 -7.22 0.29 14.80
N PHE A 6 -8.45 0.50 14.29
CA PHE A 6 -8.67 0.41 12.85
C PHE A 6 -7.79 1.45 12.20
N SER A 7 -7.80 2.70 12.71
CA SER A 7 -7.03 3.78 12.09
C SER A 7 -5.63 3.36 11.70
N ASP A 8 -4.83 2.81 12.63
CA ASP A 8 -3.47 2.39 12.27
C ASP A 8 -3.52 1.50 11.06
N GLU A 9 -4.38 0.46 11.07
CA GLU A 9 -4.42 -0.46 9.94
C GLU A 9 -4.92 0.26 8.71
N MET A 10 -5.85 1.22 8.85
CA MET A 10 -6.36 1.97 7.70
C MET A 10 -5.30 2.89 7.12
N ASN A 11 -4.23 3.24 7.88
CA ASN A 11 -3.14 4.03 7.31
C ASN A 11 -2.11 3.14 6.67
N THR A 12 -1.74 1.99 7.29
CA THR A 12 -0.70 1.14 6.70
C THR A 12 -1.13 0.66 5.34
N ILE A 13 -2.43 0.37 5.08
CA ILE A 13 -2.82 -0.05 3.74
C ILE A 13 -2.45 1.01 2.73
N LEU A 14 -2.51 2.31 3.08
CA LEU A 14 -2.26 3.35 2.08
C LEU A 14 -0.75 3.57 2.00
N ASP A 15 -0.03 3.67 3.13
CA ASP A 15 1.42 3.86 3.04
C ASP A 15 2.07 2.66 2.37
N ASN A 16 1.73 1.44 2.79
CA ASN A 16 2.41 0.23 2.31
C ASN A 16 1.78 -0.29 1.03
N LEU A 17 0.44 -0.28 0.89
CA LEU A 17 -0.22 -0.91 -0.25
C LEU A 17 -0.69 0.16 -1.22
N ALA A 18 0.23 1.04 -1.67
CA ALA A 18 -0.11 2.05 -2.67
C ALA A 18 1.15 2.67 -3.24
N ALA A 19 2.06 3.21 -2.38
CA ALA A 19 3.34 3.71 -2.89
C ALA A 19 4.00 2.64 -3.72
N ARG A 20 3.89 1.34 -3.34
CA ARG A 20 4.41 0.27 -4.18
C ARG A 20 3.28 -0.65 -4.59
N ASP A 21 2.19 -0.07 -5.15
CA ASP A 21 1.17 -0.92 -5.79
C ASP A 21 0.37 -0.17 -6.84
N PHE A 22 0.98 0.79 -7.58
CA PHE A 22 0.26 1.56 -8.60
C PHE A 22 1.19 2.63 -9.13
N ILE A 23 1.63 2.57 -10.41
CA ILE A 23 2.57 3.57 -10.92
C ILE A 23 3.88 3.49 -10.16
N ASN A 24 4.29 2.28 -9.70
CA ASN A 24 5.62 2.13 -9.09
C ASN A 24 6.05 0.68 -9.15
N TRP A 25 5.30 -0.26 -8.50
CA TRP A 25 5.70 -1.67 -8.52
C TRP A 25 5.62 -2.28 -9.90
N LEU A 26 4.86 -1.68 -10.85
CA LEU A 26 4.78 -2.21 -12.21
C LEU A 26 5.24 -1.13 -13.17
N ILE A 27 6.19 -0.25 -12.77
CA ILE A 27 6.56 0.89 -13.61
C ILE A 27 7.94 1.38 -13.25
N GLN A 28 8.22 1.74 -11.97
CA GLN A 28 9.58 2.06 -11.57
C GLN A 28 10.38 0.77 -11.55
N THR A 29 9.81 -0.32 -11.00
CA THR A 29 10.53 -1.58 -10.89
C THR A 29 10.46 -2.37 -12.17
N LYS A 30 9.36 -2.30 -12.96
CA LYS A 30 9.20 -3.17 -14.14
C LYS A 30 9.53 -2.41 -15.40
N ILE A 31 10.45 -1.40 -15.34
CA ILE A 31 10.90 -0.68 -16.53
C ILE A 31 12.34 -0.25 -16.28
N THR A 32 12.59 0.58 -15.23
CA THR A 32 13.98 0.98 -14.93
C THR A 32 14.84 -0.24 -14.83
N ASP A 33 14.41 -1.29 -14.11
CA ASP A 33 15.20 -2.51 -13.98
C ASP A 33 14.90 -3.38 -15.17
N HIS A 1 -10.71 -6.84 22.62
CA HIS A 1 -11.54 -5.71 22.23
C HIS A 1 -10.83 -4.44 22.60
N ALA A 2 -10.96 -3.34 21.82
CA ALA A 2 -10.28 -2.10 22.17
C ALA A 2 -10.91 -0.94 21.43
N ASP A 3 -12.25 -0.77 21.48
CA ASP A 3 -12.93 0.30 20.76
C ASP A 3 -12.99 -0.01 19.27
N GLY A 4 -11.85 -0.18 18.58
CA GLY A 4 -11.88 -0.47 17.15
C GLY A 4 -10.49 -0.69 16.59
N SER A 5 -9.56 0.28 16.81
CA SER A 5 -8.19 0.12 16.35
C SER A 5 -8.12 -0.14 14.86
N PHE A 6 -9.00 0.54 14.08
CA PHE A 6 -8.94 0.46 12.62
C PHE A 6 -7.95 1.47 12.09
N SER A 7 -7.78 2.65 12.72
CA SER A 7 -6.86 3.66 12.19
C SER A 7 -5.53 3.03 11.81
N ASP A 8 -4.94 2.19 12.69
CA ASP A 8 -3.64 1.60 12.37
C ASP A 8 -3.70 0.87 11.05
N GLU A 9 -4.68 -0.07 10.90
CA GLU A 9 -4.74 -0.84 9.65
C GLU A 9 -5.21 0.03 8.51
N MET A 10 -5.94 1.14 8.76
CA MET A 10 -6.43 2.00 7.68
C MET A 10 -5.34 2.87 7.12
N ASN A 11 -4.32 3.27 7.93
CA ASN A 11 -3.25 4.12 7.40
C ASN A 11 -2.14 3.29 6.80
N THR A 12 -1.71 2.18 7.45
CA THR A 12 -0.62 1.38 6.91
C THR A 12 -0.99 0.90 5.52
N ILE A 13 -2.23 0.44 5.27
CA ILE A 13 -2.57 0.01 3.92
C ILE A 13 -2.29 1.11 2.91
N LEU A 14 -2.52 2.40 3.22
CA LEU A 14 -2.22 3.45 2.24
C LEU A 14 -0.71 3.65 2.20
N ASP A 15 -0.03 3.84 3.35
CA ASP A 15 1.41 4.12 3.28
C ASP A 15 2.15 3.00 2.60
N ASN A 16 1.86 1.74 3.00
CA ASN A 16 2.62 0.59 2.51
C ASN A 16 2.05 0.03 1.22
N LEU A 17 0.70 -0.03 1.06
CA LEU A 17 0.10 -0.70 -0.10
C LEU A 17 -0.42 0.33 -1.07
N ALA A 18 0.43 1.29 -1.49
CA ALA A 18 0.00 2.30 -2.47
C ALA A 18 1.19 3.03 -3.05
N ALA A 19 2.10 3.58 -2.20
CA ALA A 19 3.33 4.17 -2.74
C ALA A 19 3.96 3.23 -3.73
N ARG A 20 4.06 1.92 -3.40
CA ARG A 20 4.58 0.94 -4.36
C ARG A 20 3.50 -0.03 -4.78
N ASP A 21 2.27 0.46 -5.09
CA ASP A 21 1.29 -0.41 -5.75
C ASP A 21 0.36 0.34 -6.69
N PHE A 22 0.77 1.51 -7.25
CA PHE A 22 -0.08 2.28 -8.17
C PHE A 22 0.50 2.39 -9.57
N ILE A 23 1.81 2.13 -9.80
CA ILE A 23 2.42 2.26 -11.13
C ILE A 23 3.73 1.46 -11.18
N ASN A 24 4.66 1.60 -10.18
CA ASN A 24 5.90 0.82 -10.19
C ASN A 24 5.70 -0.63 -10.61
N TRP A 25 4.59 -1.30 -10.20
CA TRP A 25 4.39 -2.70 -10.54
C TRP A 25 3.79 -2.77 -11.94
N LEU A 26 2.84 -1.86 -12.25
CA LEU A 26 2.19 -1.86 -13.57
C LEU A 26 3.16 -1.45 -14.68
N ILE A 27 4.40 -0.96 -14.38
CA ILE A 27 5.35 -0.61 -15.45
C ILE A 27 5.30 -1.57 -16.63
N GLN A 28 5.35 -2.92 -16.45
CA GLN A 28 5.10 -3.83 -17.57
C GLN A 28 4.26 -5.02 -17.17
N THR A 29 3.42 -4.94 -16.10
CA THR A 29 2.54 -6.05 -15.76
C THR A 29 1.23 -5.88 -16.51
N LYS A 30 0.69 -4.65 -16.65
CA LYS A 30 -0.59 -4.45 -17.32
C LYS A 30 -0.44 -3.49 -18.50
N ILE A 31 0.77 -3.41 -19.13
CA ILE A 31 0.97 -2.60 -20.33
C ILE A 31 1.45 -3.50 -21.46
N THR A 32 2.61 -4.19 -21.29
CA THR A 32 3.13 -5.05 -22.36
C THR A 32 2.11 -6.10 -22.73
N ASP A 33 1.19 -6.51 -21.82
CA ASP A 33 0.18 -7.51 -22.18
C ASP A 33 0.87 -8.84 -22.35
N HIS A 1 -10.66 -9.63 18.92
CA HIS A 1 -10.16 -8.37 19.42
C HIS A 1 -8.65 -8.35 19.35
N ALA A 2 -8.03 -7.60 18.41
CA ALA A 2 -6.58 -7.49 18.40
C ALA A 2 -6.16 -6.69 19.62
N ASP A 3 -6.61 -5.42 19.76
CA ASP A 3 -6.22 -4.60 20.90
C ASP A 3 -7.02 -3.32 20.94
N GLY A 4 -6.86 -2.41 19.96
CA GLY A 4 -7.61 -1.15 19.96
C GLY A 4 -6.87 -0.08 19.18
N SER A 5 -6.68 -0.27 17.86
CA SER A 5 -5.95 0.71 17.06
C SER A 5 -6.27 0.49 15.59
N PHE A 6 -7.57 0.55 15.24
CA PHE A 6 -7.96 0.27 13.85
C PHE A 6 -7.32 1.33 12.99
N SER A 7 -7.47 2.61 13.37
CA SER A 7 -6.91 3.71 12.57
C SER A 7 -5.48 3.44 12.16
N ASP A 8 -4.61 3.00 13.11
CA ASP A 8 -3.21 2.78 12.76
C ASP A 8 -3.12 1.83 11.58
N GLU A 9 -3.79 0.67 11.65
CA GLU A 9 -3.72 -0.29 10.55
C GLU A 9 -4.36 0.30 9.32
N MET A 10 -5.48 1.05 9.46
CA MET A 10 -6.14 1.65 8.31
C MET A 10 -5.21 2.60 7.58
N ASN A 11 -4.15 3.14 8.22
CA ASN A 11 -3.20 3.96 7.49
C ASN A 11 -2.19 3.09 6.76
N THR A 12 -1.70 1.99 7.38
CA THR A 12 -0.69 1.17 6.72
C THR A 12 -1.24 0.60 5.44
N ILE A 13 -2.49 0.09 5.40
CA ILE A 13 -3.01 -0.46 4.15
C ILE A 13 -2.89 0.57 3.05
N LEU A 14 -3.08 1.88 3.34
CA LEU A 14 -3.08 2.87 2.26
C LEU A 14 -1.64 3.16 1.93
N ASP A 15 -0.80 3.57 2.91
CA ASP A 15 0.60 3.87 2.60
C ASP A 15 1.27 2.72 1.88
N ASN A 16 1.18 1.50 2.46
CA ASN A 16 1.91 0.36 1.92
C ASN A 16 1.21 -0.24 0.72
N LEU A 17 -0.14 -0.40 0.77
CA LEU A 17 -0.85 -1.14 -0.27
C LEU A 17 -1.58 -0.19 -1.21
N ALA A 18 -0.86 0.82 -1.76
CA ALA A 18 -1.47 1.72 -2.74
C ALA A 18 -0.40 2.46 -3.53
N ALA A 19 0.56 3.14 -2.86
CA ALA A 19 1.70 3.72 -3.58
C ALA A 19 2.29 2.67 -4.49
N ARG A 20 2.33 1.39 -4.02
CA ARG A 20 2.84 0.32 -4.87
C ARG A 20 2.26 0.44 -6.27
N ASP A 21 0.94 0.71 -6.43
CA ASP A 21 0.38 0.87 -7.77
C ASP A 21 0.76 2.19 -8.40
N PHE A 22 2.08 2.44 -8.60
CA PHE A 22 2.56 3.63 -9.29
C PHE A 22 4.08 3.61 -9.21
N ILE A 23 4.80 3.25 -10.30
CA ILE A 23 6.26 3.15 -10.24
C ILE A 23 6.66 2.03 -9.30
N ASN A 24 5.89 0.92 -9.23
CA ASN A 24 6.34 -0.28 -8.51
C ASN A 24 5.59 -1.50 -8.99
N TRP A 25 4.23 -1.54 -8.90
CA TRP A 25 3.50 -2.71 -9.42
C TRP A 25 3.70 -2.88 -10.91
N LEU A 26 4.16 -1.84 -11.63
CA LEU A 26 4.41 -1.94 -13.07
C LEU A 26 5.90 -2.01 -13.32
N ILE A 27 6.76 -1.14 -12.73
CA ILE A 27 8.19 -1.14 -13.05
C ILE A 27 8.99 -2.10 -12.17
N GLN A 28 8.54 -2.44 -10.94
CA GLN A 28 9.24 -3.40 -10.07
C GLN A 28 8.37 -4.64 -9.96
N THR A 29 8.30 -5.47 -11.02
CA THR A 29 7.47 -6.69 -10.94
C THR A 29 8.07 -7.79 -11.81
N LYS A 30 8.07 -7.64 -13.14
CA LYS A 30 8.70 -8.63 -14.02
C LYS A 30 9.76 -7.96 -14.86
N ILE A 31 10.47 -6.96 -14.30
CA ILE A 31 11.42 -6.15 -15.08
C ILE A 31 12.67 -5.98 -14.25
N THR A 32 12.61 -5.31 -13.07
CA THR A 32 13.79 -5.20 -12.22
C THR A 32 14.31 -6.58 -11.91
N ASP A 33 13.41 -7.54 -11.57
CA ASP A 33 13.84 -8.91 -11.30
C ASP A 33 13.33 -9.79 -12.42
N HIS A 1 -6.45 -1.94 21.89
CA HIS A 1 -6.23 -3.02 20.94
C HIS A 1 -7.46 -3.90 20.87
N ALA A 2 -7.51 -4.83 19.88
CA ALA A 2 -8.65 -5.74 19.75
C ALA A 2 -9.90 -4.92 19.52
N ASP A 3 -10.13 -4.49 18.26
CA ASP A 3 -11.33 -3.70 17.95
C ASP A 3 -11.19 -2.26 18.42
N GLY A 4 -9.99 -1.80 18.85
CA GLY A 4 -9.80 -0.40 19.23
C GLY A 4 -8.49 0.13 18.68
N SER A 5 -8.04 -0.35 17.50
CA SER A 5 -6.79 0.16 16.91
C SER A 5 -6.82 -0.03 15.41
N PHE A 6 -7.97 0.32 14.77
CA PHE A 6 -8.07 0.16 13.32
C PHE A 6 -7.31 1.26 12.63
N SER A 7 -7.29 2.50 13.18
CA SER A 7 -6.60 3.61 12.52
C SER A 7 -5.22 3.20 12.07
N ASP A 8 -4.42 2.53 12.94
CA ASP A 8 -3.06 2.15 12.55
C ASP A 8 -3.11 1.35 11.26
N GLU A 9 -3.97 0.31 11.21
CA GLU A 9 -4.03 -0.53 10.01
C GLU A 9 -4.56 0.30 8.85
N MET A 10 -5.54 1.20 9.11
CA MET A 10 -6.10 2.04 8.05
C MET A 10 -5.04 2.92 7.42
N ASN A 11 -3.90 3.20 8.11
CA ASN A 11 -2.83 3.97 7.48
C ASN A 11 -1.95 3.06 6.65
N THR A 12 -1.61 1.84 7.14
CA THR A 12 -0.74 0.96 6.37
C THR A 12 -1.36 0.65 5.04
N ILE A 13 -2.69 0.41 4.95
CA ILE A 13 -3.29 0.12 3.64
C ILE A 13 -2.97 1.23 2.66
N LEU A 14 -2.98 2.52 3.06
CA LEU A 14 -2.61 3.57 2.11
C LEU A 14 -1.12 3.49 1.86
N ASP A 15 -0.27 3.61 2.91
CA ASP A 15 1.17 3.68 2.68
C ASP A 15 1.63 2.50 1.85
N ASN A 16 1.30 1.27 2.30
CA ASN A 16 1.81 0.06 1.64
C ASN A 16 0.94 -0.41 0.51
N LEU A 17 -0.35 -0.01 0.39
CA LEU A 17 -1.19 -0.50 -0.71
C LEU A 17 -1.73 0.66 -1.52
N ALA A 18 -0.86 1.66 -1.82
CA ALA A 18 -1.25 2.73 -2.75
C ALA A 18 -0.01 3.24 -3.45
N ALA A 19 1.00 3.76 -2.72
CA ALA A 19 2.25 4.18 -3.37
C ALA A 19 3.14 3.01 -3.73
N ARG A 20 2.74 1.72 -3.52
CA ARG A 20 3.50 0.58 -4.03
C ARG A 20 2.82 -0.09 -5.22
N ASP A 21 1.48 0.00 -5.42
CA ASP A 21 0.83 -0.64 -6.56
C ASP A 21 0.40 0.44 -7.52
N PHE A 22 1.35 1.27 -7.98
CA PHE A 22 1.04 2.36 -8.92
C PHE A 22 2.24 2.59 -9.82
N ILE A 23 3.41 2.98 -9.24
CA ILE A 23 4.63 3.15 -10.03
C ILE A 23 5.82 2.48 -9.36
N ASN A 24 5.69 1.23 -8.87
CA ASN A 24 6.82 0.52 -8.24
C ASN A 24 6.65 -0.99 -8.40
N TRP A 25 6.27 -1.44 -9.61
CA TRP A 25 5.79 -2.82 -9.79
C TRP A 25 5.33 -3.00 -11.23
N LEU A 26 4.52 -2.06 -11.76
CA LEU A 26 4.12 -2.09 -13.17
C LEU A 26 4.96 -1.12 -13.99
N ILE A 27 5.67 -0.10 -13.43
CA ILE A 27 6.46 0.84 -14.24
C ILE A 27 7.96 0.69 -13.98
N GLN A 28 8.49 0.61 -12.74
CA GLN A 28 9.94 0.48 -12.53
C GLN A 28 10.30 -0.90 -12.05
N THR A 29 9.82 -1.98 -12.72
CA THR A 29 10.21 -3.33 -12.29
C THR A 29 10.17 -4.29 -13.47
N LYS A 30 8.99 -4.63 -14.02
CA LYS A 30 8.94 -5.56 -15.15
C LYS A 30 9.08 -4.85 -16.48
N ILE A 31 9.19 -3.49 -16.51
CA ILE A 31 9.28 -2.77 -17.79
C ILE A 31 10.72 -2.44 -18.07
N THR A 32 11.43 -1.77 -17.12
CA THR A 32 12.84 -1.47 -17.36
C THR A 32 13.56 -2.75 -17.67
N ASP A 33 13.27 -3.83 -16.90
CA ASP A 33 13.88 -5.13 -17.20
C ASP A 33 13.08 -5.82 -18.27
N HIS A 1 -5.77 -8.90 13.92
CA HIS A 1 -6.19 -8.35 15.19
C HIS A 1 -6.43 -6.86 15.06
N ALA A 2 -7.01 -6.21 16.09
CA ALA A 2 -7.31 -4.78 16.02
C ALA A 2 -7.24 -4.16 17.41
N ASP A 3 -8.02 -4.66 18.40
CA ASP A 3 -7.92 -4.12 19.75
C ASP A 3 -8.35 -2.67 19.76
N GLY A 4 -9.44 -2.35 19.03
CA GLY A 4 -9.92 -0.97 19.00
C GLY A 4 -8.91 -0.04 18.39
N SER A 5 -8.22 -0.43 17.29
CA SER A 5 -7.30 0.50 16.61
C SER A 5 -7.31 0.21 15.13
N PHE A 6 -8.51 0.15 14.52
CA PHE A 6 -8.58 -0.07 13.08
C PHE A 6 -7.84 1.03 12.36
N SER A 7 -7.87 2.28 12.88
CA SER A 7 -7.17 3.38 12.20
C SER A 7 -5.75 3.00 11.87
N ASP A 8 -5.00 2.40 12.82
CA ASP A 8 -3.62 2.02 12.55
C ASP A 8 -3.55 1.23 11.26
N GLU A 9 -4.40 0.19 11.12
CA GLU A 9 -4.35 -0.63 9.91
C GLU A 9 -4.83 0.20 8.73
N MET A 10 -5.87 1.03 8.90
CA MET A 10 -6.35 1.86 7.79
C MET A 10 -5.23 2.76 7.27
N ASN A 11 -4.25 3.15 8.12
CA ASN A 11 -3.17 4.00 7.63
C ASN A 11 -2.12 3.16 6.93
N THR A 12 -1.74 1.98 7.48
CA THR A 12 -0.68 1.19 6.84
C THR A 12 -1.11 0.77 5.45
N ILE A 13 -2.36 0.31 5.25
CA ILE A 13 -2.77 -0.08 3.88
C ILE A 13 -2.50 1.05 2.92
N LEU A 14 -2.64 2.33 3.32
CA LEU A 14 -2.46 3.43 2.38
C LEU A 14 -0.96 3.63 2.24
N ASP A 15 -0.22 3.92 3.33
CA ASP A 15 1.22 4.18 3.20
C ASP A 15 1.92 3.05 2.49
N ASN A 16 1.68 1.79 2.92
CA ASN A 16 2.43 0.65 2.39
C ASN A 16 1.82 0.18 1.08
N LEU A 17 0.48 0.07 0.97
CA LEU A 17 -0.14 -0.56 -0.21
C LEU A 17 -0.70 0.51 -1.13
N ALA A 18 0.13 1.48 -1.55
CA ALA A 18 -0.31 2.52 -2.48
C ALA A 18 0.87 3.26 -3.05
N ALA A 19 1.78 3.79 -2.18
CA ALA A 19 3.01 4.40 -2.68
C ALA A 19 3.67 3.44 -3.64
N ARG A 20 3.80 2.15 -3.27
CA ARG A 20 4.35 1.15 -4.18
C ARG A 20 3.23 0.42 -4.88
N ASP A 21 2.18 1.11 -5.41
CA ASP A 21 1.15 0.42 -6.17
C ASP A 21 0.49 1.23 -7.27
N PHE A 22 1.13 2.28 -7.82
CA PHE A 22 0.61 3.00 -8.99
C PHE A 22 1.48 2.84 -10.22
N ILE A 23 2.61 2.07 -10.17
CA ILE A 23 3.50 1.95 -11.33
C ILE A 23 4.23 0.61 -11.16
N ASN A 24 5.20 0.50 -10.23
CA ASN A 24 5.83 -0.80 -9.90
C ASN A 24 4.96 -2.01 -10.19
N TRP A 25 4.02 -2.46 -9.33
CA TRP A 25 3.13 -3.57 -9.66
C TRP A 25 2.64 -3.55 -11.11
N LEU A 26 2.36 -2.37 -11.70
CA LEU A 26 1.91 -2.28 -13.10
C LEU A 26 3.04 -2.50 -14.09
N ILE A 27 4.31 -2.14 -13.78
CA ILE A 27 5.42 -2.38 -14.73
C ILE A 27 6.30 -3.50 -14.21
N GLN A 28 6.85 -3.40 -12.98
CA GLN A 28 7.84 -4.38 -12.52
C GLN A 28 7.23 -5.76 -12.55
N THR A 29 6.05 -5.95 -11.90
CA THR A 29 5.43 -7.28 -11.78
C THR A 29 4.20 -7.30 -12.64
N LYS A 30 4.36 -7.20 -13.97
CA LYS A 30 3.22 -7.20 -14.90
C LYS A 30 3.75 -7.14 -16.32
N ILE A 31 4.48 -6.06 -16.67
CA ILE A 31 5.02 -5.91 -18.02
C ILE A 31 6.42 -6.50 -18.03
N THR A 32 7.36 -5.98 -17.20
CA THR A 32 8.74 -6.49 -17.23
C THR A 32 8.75 -7.92 -16.78
N ASP A 33 8.02 -8.28 -15.70
CA ASP A 33 8.04 -9.66 -15.19
C ASP A 33 6.66 -10.10 -14.79
N HIS A 1 -13.10 7.21 20.22
CA HIS A 1 -11.66 7.07 20.13
C HIS A 1 -11.22 5.72 20.68
N ALA A 2 -9.99 5.28 20.39
CA ALA A 2 -9.51 3.99 20.87
C ALA A 2 -10.49 2.88 20.53
N ASP A 3 -10.91 2.77 19.25
CA ASP A 3 -11.77 1.64 18.87
C ASP A 3 -10.99 0.37 19.10
N GLY A 4 -9.78 0.24 18.50
CA GLY A 4 -8.98 -0.96 18.73
C GLY A 4 -7.77 -1.00 17.82
N SER A 5 -6.82 -0.05 17.98
CA SER A 5 -5.64 -0.01 17.11
C SER A 5 -6.06 -0.12 15.66
N PHE A 6 -7.19 0.52 15.28
CA PHE A 6 -7.71 0.36 13.92
C PHE A 6 -7.01 1.36 13.03
N SER A 7 -6.95 2.65 13.44
CA SER A 7 -6.32 3.67 12.62
C SER A 7 -4.99 3.22 12.07
N ASP A 8 -4.11 2.62 12.91
CA ASP A 8 -2.80 2.20 12.43
C ASP A 8 -2.95 1.38 11.17
N GLU A 9 -3.80 0.32 11.19
CA GLU A 9 -3.99 -0.49 9.98
C GLU A 9 -4.57 0.40 8.90
N MET A 10 -5.59 1.23 9.23
CA MET A 10 -6.22 2.06 8.20
C MET A 10 -5.22 2.94 7.49
N ASN A 11 -4.07 3.29 8.13
CA ASN A 11 -3.05 4.08 7.44
C ASN A 11 -2.13 3.18 6.63
N THR A 12 -1.69 2.03 7.18
CA THR A 12 -0.76 1.18 6.44
C THR A 12 -1.39 0.71 5.15
N ILE A 13 -2.68 0.28 5.17
CA ILE A 13 -3.30 -0.18 3.93
C ILE A 13 -3.14 0.88 2.86
N LEU A 14 -3.19 2.20 3.19
CA LEU A 14 -3.13 3.21 2.14
C LEU A 14 -1.68 3.42 1.78
N ASP A 15 -0.78 3.67 2.77
CA ASP A 15 0.63 3.89 2.43
C ASP A 15 1.19 2.71 1.67
N ASN A 16 1.03 1.48 2.21
CA ASN A 16 1.67 0.31 1.63
C ASN A 16 0.87 -0.24 0.48
N LEU A 17 -0.47 -0.33 0.57
CA LEU A 17 -1.27 -1.00 -0.45
C LEU A 17 -1.94 0.00 -1.36
N ALA A 18 -1.15 0.95 -1.92
CA ALA A 18 -1.68 1.92 -2.89
C ALA A 18 -0.54 2.59 -3.63
N ALA A 19 0.41 3.23 -2.91
CA ALA A 19 1.59 3.77 -3.59
C ALA A 19 2.28 2.62 -4.31
N ARG A 20 2.41 1.43 -3.68
CA ARG A 20 3.00 0.29 -4.39
C ARG A 20 2.37 0.11 -5.75
N ASP A 21 1.04 0.32 -5.90
CA ASP A 21 0.41 0.11 -7.21
C ASP A 21 0.99 1.00 -8.31
N PHE A 22 1.70 2.12 -8.00
CA PHE A 22 2.30 2.96 -9.04
C PHE A 22 3.72 3.33 -8.69
N ILE A 23 4.67 3.39 -9.67
CA ILE A 23 6.08 3.61 -9.36
C ILE A 23 6.65 2.43 -8.59
N ASN A 24 6.15 1.19 -8.85
CA ASN A 24 6.70 -0.01 -8.21
C ASN A 24 6.23 -1.26 -8.94
N TRP A 25 4.90 -1.47 -9.02
CA TRP A 25 4.36 -2.72 -9.57
C TRP A 25 4.87 -3.05 -10.96
N LEU A 26 5.19 -2.05 -11.81
CA LEU A 26 5.75 -2.31 -13.14
C LEU A 26 6.88 -1.33 -13.37
N ILE A 27 7.77 -1.17 -12.36
CA ILE A 27 8.83 -0.17 -12.40
C ILE A 27 10.03 -0.64 -11.60
N GLN A 28 9.88 -1.02 -10.31
CA GLN A 28 11.00 -1.50 -9.50
C GLN A 28 10.73 -2.95 -9.23
N THR A 29 10.56 -3.72 -10.33
CA THR A 29 10.22 -5.15 -10.23
C THR A 29 10.93 -5.92 -11.32
N LYS A 30 10.70 -5.61 -12.63
CA LYS A 30 11.39 -6.30 -13.72
C LYS A 30 12.47 -5.42 -14.29
N ILE A 31 12.98 -4.41 -13.54
CA ILE A 31 14.02 -3.50 -14.04
C ILE A 31 15.19 -3.54 -13.09
N THR A 32 15.00 -3.21 -11.79
CA THR A 32 16.11 -3.29 -10.83
C THR A 32 16.67 -4.69 -10.84
N ASP A 33 15.83 -5.73 -10.97
CA ASP A 33 16.33 -7.11 -11.04
C ASP A 33 15.53 -7.88 -12.06
N HIS A 1 -7.65 11.08 20.41
CA HIS A 1 -7.81 9.83 21.15
C HIS A 1 -8.29 8.76 20.19
N ALA A 2 -8.37 7.47 20.62
CA ALA A 2 -8.75 6.42 19.68
C ALA A 2 -9.24 5.19 20.42
N ASP A 3 -9.76 4.18 19.68
CA ASP A 3 -10.24 2.96 20.33
C ASP A 3 -10.26 1.84 19.31
N GLY A 4 -9.72 0.63 19.63
CA GLY A 4 -9.65 -0.44 18.64
C GLY A 4 -8.35 -0.47 17.87
N SER A 5 -7.47 0.56 17.96
CA SER A 5 -6.22 0.55 17.20
C SER A 5 -6.45 0.22 15.74
N PHE A 6 -7.56 0.72 15.16
CA PHE A 6 -7.85 0.45 13.75
C PHE A 6 -7.11 1.45 12.90
N SER A 7 -7.04 2.74 13.33
CA SER A 7 -6.31 3.75 12.58
C SER A 7 -5.02 3.22 11.98
N ASP A 8 -4.20 2.49 12.76
CA ASP A 8 -2.94 1.99 12.20
C ASP A 8 -3.24 1.15 10.98
N GLU A 9 -4.19 0.19 11.06
CA GLU A 9 -4.51 -0.61 9.87
C GLU A 9 -4.96 0.30 8.75
N MET A 10 -5.94 1.21 8.97
CA MET A 10 -6.38 2.09 7.88
C MET A 10 -5.23 2.84 7.26
N ASN A 11 -4.20 3.23 8.04
CA ASN A 11 -3.10 4.02 7.49
C ASN A 11 -2.07 3.13 6.82
N THR A 12 -1.74 1.94 7.38
CA THR A 12 -0.74 1.09 6.74
C THR A 12 -1.28 0.58 5.44
N ILE A 13 -2.53 0.08 5.38
CA ILE A 13 -3.06 -0.42 4.10
C ILE A 13 -2.95 0.67 3.05
N LEU A 14 -3.15 1.97 3.39
CA LEU A 14 -3.13 3.00 2.36
C LEU A 14 -1.68 3.32 2.06
N ASP A 15 -0.87 3.70 3.08
CA ASP A 15 0.52 4.06 2.82
C ASP A 15 1.26 2.91 2.16
N ASN A 16 1.21 1.71 2.78
CA ASN A 16 2.03 0.60 2.29
C ASN A 16 1.41 -0.01 1.04
N LEU A 17 0.08 -0.27 1.02
CA LEU A 17 -0.51 -1.06 -0.07
C LEU A 17 -1.24 -0.14 -1.04
N ALA A 18 -0.55 0.90 -1.58
CA ALA A 18 -1.17 1.78 -2.57
C ALA A 18 -0.14 2.63 -3.27
N ALA A 19 0.77 3.33 -2.53
CA ALA A 19 1.87 4.02 -3.19
C ALA A 19 2.54 3.07 -4.15
N ARG A 20 2.75 1.79 -3.73
CA ARG A 20 3.42 0.84 -4.62
C ARG A 20 2.63 0.63 -5.89
N ASP A 21 1.28 0.75 -5.88
CA ASP A 21 0.50 0.61 -7.10
C ASP A 21 0.62 1.85 -7.98
N PHE A 22 1.86 2.24 -8.37
CA PHE A 22 2.06 3.39 -9.25
C PHE A 22 3.54 3.42 -9.59
N ILE A 23 3.97 2.68 -10.65
CA ILE A 23 5.39 2.62 -11.01
C ILE A 23 6.16 1.73 -10.04
N ASN A 24 5.54 0.73 -9.37
CA ASN A 24 6.30 -0.21 -8.55
C ASN A 24 5.55 -1.52 -8.43
N TRP A 25 5.08 -2.05 -9.59
CA TRP A 25 4.14 -3.18 -9.58
C TRP A 25 3.70 -3.49 -11.01
N LEU A 26 3.26 -2.45 -11.75
CA LEU A 26 2.89 -2.60 -13.16
C LEU A 26 4.13 -2.66 -14.02
N ILE A 27 5.23 -1.97 -13.59
CA ILE A 27 6.46 -1.90 -14.39
C ILE A 27 6.87 -3.20 -15.06
N GLN A 28 6.77 -4.40 -14.42
CA GLN A 28 7.16 -5.65 -15.09
C GLN A 28 5.91 -6.48 -15.27
N THR A 29 4.91 -5.92 -15.99
CA THR A 29 3.64 -6.62 -16.17
C THR A 29 2.97 -6.17 -17.45
N LYS A 30 2.68 -4.86 -17.63
CA LYS A 30 2.10 -4.38 -18.89
C LYS A 30 3.19 -3.68 -19.69
N ILE A 31 4.44 -4.21 -19.66
CA ILE A 31 5.54 -3.64 -20.44
C ILE A 31 6.35 -4.79 -21.00
N THR A 32 6.96 -5.63 -20.13
CA THR A 32 7.69 -6.80 -20.62
C THR A 32 6.78 -7.66 -21.48
N ASP A 33 5.46 -7.71 -21.18
CA ASP A 33 4.55 -8.49 -22.02
C ASP A 33 4.82 -8.30 -23.49
#